data_2F19
#
_entry.id   2F19
#
_cell.length_a   43.300
_cell.length_b   80.800
_cell.length_c   75.100
_cell.angle_alpha   90.00
_cell.angle_beta   96.00
_cell.angle_gamma   90.00
#
_symmetry.space_group_name_H-M   'P 1 21 1'
#
loop_
_entity.id
_entity.type
_entity.pdbx_description
1 polymer 'IGG2B-KAPPA R19.9 FAB (LIGHT CHAIN)'
2 polymer 'IGG2B-KAPPA R19.9 FAB (HEAVY CHAIN)'
#
loop_
_entity_poly.entity_id
_entity_poly.type
_entity_poly.pdbx_seq_one_letter_code
_entity_poly.pdbx_strand_id
1 'polypeptide(L)'
;DIQMTQTTSSLSASLGDRVTISCRASQDISNYLNWYQQKPDGTVKLLIYYTSRLHSGVPSRFSGSGSGTDYSLTISNLEH
EDIATYFCQQGSTLPRTFGGGTKLEIKRADAAPTVSIFPPSSEQLTSGGASVVCFLNNFYPKDINVKWKIDGSERQNGVL
NSWTDQDSKDSTYSMSSTLTLTKDEYERHNSYTCEATHKTSTSPIVKSFNRNEC
;
L
2 'polypeptide(L)'
;QVQLQQSGAELVRAGSSVKMSCKASGYTFTSYGVNWVKQRPGQGLEWIGYINPGKGYLSYNEKFKGKTTLTVDRSSSTAY
MQLRSLTSEDAAVYFCARSFYGGSDLAVYYFDSWGQGTTLTVSSAKTTPPSVYPLAPGCGDTTGSSVTLGCLVKGYFPES
VTVTWNSGSLSSSVHTFPALLQSALYTMSSSVTVPSSTWPSQTVTCSVAHPASSTTVDKKL
;
H
#
# COMPACT_ATOMS: atom_id res chain seq x y z
N ASP A 1 -5.52 -26.67 8.63
CA ASP A 1 -5.34 -25.60 7.67
C ASP A 1 -3.96 -25.48 7.07
N ILE A 2 -3.88 -25.67 5.75
CA ILE A 2 -2.59 -25.60 5.09
C ILE A 2 -2.03 -24.16 5.00
N GLN A 3 -0.83 -24.10 5.61
CA GLN A 3 0.01 -22.93 5.76
C GLN A 3 0.88 -22.80 4.55
N MET A 4 0.47 -21.91 3.64
CA MET A 4 1.22 -21.58 2.43
C MET A 4 2.35 -20.57 2.72
N THR A 5 3.58 -20.85 2.31
CA THR A 5 4.71 -19.96 2.61
C THR A 5 5.36 -19.44 1.37
N GLN A 6 5.41 -18.14 1.21
CA GLN A 6 6.20 -17.56 0.13
C GLN A 6 7.43 -17.09 0.89
N THR A 7 8.57 -17.75 0.72
CA THR A 7 9.75 -17.46 1.57
C THR A 7 10.48 -16.13 1.32
N THR A 8 9.96 -15.37 0.34
CA THR A 8 10.46 -14.06 -0.04
C THR A 8 9.35 -13.01 0.04
N SER A 9 9.48 -11.85 0.70
CA SER A 9 8.43 -10.83 0.64
C SER A 9 8.68 -9.94 -0.56
N SER A 10 9.97 -9.60 -0.76
CA SER A 10 10.44 -8.73 -1.83
C SER A 10 11.57 -9.36 -2.60
N LEU A 11 11.48 -9.28 -3.91
CA LEU A 11 12.42 -9.88 -4.81
C LEU A 11 12.79 -8.83 -5.83
N SER A 12 14.07 -8.56 -5.87
CA SER A 12 14.57 -7.55 -6.79
C SER A 12 15.15 -8.17 -8.05
N ALA A 13 14.83 -7.59 -9.19
CA ALA A 13 15.16 -8.14 -10.49
C ALA A 13 15.25 -7.07 -11.56
N SER A 14 16.14 -7.27 -12.53
CA SER A 14 16.32 -6.33 -13.62
C SER A 14 15.75 -6.87 -14.89
N LEU A 15 15.25 -6.01 -15.76
CA LEU A 15 14.61 -6.47 -16.98
C LEU A 15 15.39 -7.51 -17.83
N GLY A 16 14.72 -8.32 -18.66
CA GLY A 16 15.37 -9.39 -19.39
C GLY A 16 15.86 -10.56 -18.54
N ASP A 17 15.88 -10.52 -17.19
CA ASP A 17 16.25 -11.66 -16.33
C ASP A 17 15.32 -12.89 -16.20
N ARG A 18 15.84 -14.04 -15.78
CA ARG A 18 14.96 -15.11 -15.38
C ARG A 18 14.74 -14.99 -13.87
N VAL A 19 13.49 -14.99 -13.40
CA VAL A 19 13.10 -14.88 -11.98
C VAL A 19 12.31 -16.06 -11.48
N THR A 20 12.60 -16.58 -10.29
CA THR A 20 11.74 -17.64 -9.76
C THR A 20 11.27 -17.36 -8.35
N ILE A 21 9.94 -17.39 -8.32
CA ILE A 21 9.22 -17.12 -7.11
C ILE A 21 8.85 -18.47 -6.52
N SER A 22 9.18 -18.65 -5.24
CA SER A 22 8.83 -19.88 -4.56
C SER A 22 7.84 -19.92 -3.41
N CYS A 23 6.97 -20.90 -3.61
CA CYS A 23 5.90 -21.25 -2.70
C CYS A 23 6.11 -22.59 -1.98
N ARG A 24 5.62 -22.77 -0.76
CA ARG A 24 5.79 -24.03 -0.01
C ARG A 24 4.59 -24.32 0.88
N ALA A 25 3.87 -25.45 0.72
CA ALA A 25 2.74 -25.73 1.59
C ALA A 25 3.10 -26.54 2.82
N SER A 26 2.40 -26.38 3.96
CA SER A 26 2.66 -27.20 5.16
C SER A 26 2.43 -28.70 4.96
N GLN A 27 1.71 -29.01 3.89
CA GLN A 27 1.52 -30.39 3.54
C GLN A 27 1.22 -30.73 2.10
N ASP A 28 1.72 -31.86 1.58
CA ASP A 28 1.40 -32.36 0.24
C ASP A 28 -0.03 -32.08 -0.26
N ILE A 29 -0.04 -31.13 -1.20
CA ILE A 29 -1.25 -30.66 -1.85
C ILE A 29 -1.48 -31.18 -3.29
N SER A 30 -0.92 -32.33 -3.58
CA SER A 30 -1.02 -33.04 -4.86
C SER A 30 -1.12 -32.25 -6.14
N ASN A 31 -0.23 -31.25 -6.20
CA ASN A 31 -0.13 -30.28 -7.30
C ASN A 31 -1.36 -29.37 -7.62
N TYR A 32 -2.19 -29.18 -6.59
CA TYR A 32 -3.38 -28.35 -6.65
C TYR A 32 -2.92 -27.01 -6.14
N LEU A 33 -2.26 -26.34 -7.07
CA LEU A 33 -1.68 -25.04 -6.78
C LEU A 33 -1.83 -24.06 -7.94
N ASN A 34 -2.27 -22.85 -7.55
CA ASN A 34 -2.47 -21.76 -8.49
C ASN A 34 -1.64 -20.54 -8.20
N TRP A 35 -1.36 -19.75 -9.22
CA TRP A 35 -0.64 -18.49 -9.05
C TRP A 35 -1.42 -17.34 -9.61
N TYR A 36 -1.64 -16.35 -8.76
CA TYR A 36 -2.33 -15.12 -9.10
C TYR A 36 -1.39 -13.92 -9.17
N GLN A 37 -1.59 -13.04 -10.16
CA GLN A 37 -0.84 -11.78 -10.24
C GLN A 37 -1.64 -10.56 -9.80
N GLN A 38 -1.27 -9.82 -8.75
CA GLN A 38 -1.93 -8.54 -8.51
C GLN A 38 -1.09 -7.31 -8.99
N LYS A 39 -1.52 -6.54 -10.00
CA LYS A 39 -0.73 -5.40 -10.48
C LYS A 39 -0.66 -4.25 -9.49
N PRO A 40 0.29 -3.28 -9.51
CA PRO A 40 0.45 -2.23 -8.49
C PRO A 40 -0.75 -1.31 -8.55
N ASP A 41 -1.44 -1.38 -7.42
CA ASP A 41 -2.78 -0.87 -7.32
C ASP A 41 -3.70 -1.24 -8.51
N GLY A 42 -4.28 -2.38 -8.13
CA GLY A 42 -5.14 -3.05 -9.07
C GLY A 42 -5.55 -4.48 -8.76
N THR A 43 -6.00 -4.97 -9.90
CA THR A 43 -6.64 -6.26 -9.92
C THR A 43 -5.68 -7.39 -10.11
N VAL A 44 -6.28 -8.51 -9.69
CA VAL A 44 -5.73 -9.86 -9.67
C VAL A 44 -6.13 -10.57 -10.95
N LYS A 45 -5.25 -11.45 -11.41
CA LYS A 45 -5.54 -12.26 -12.58
C LYS A 45 -4.91 -13.62 -12.32
N LEU A 46 -5.51 -14.70 -12.81
CA LEU A 46 -4.91 -16.04 -12.79
C LEU A 46 -3.90 -16.16 -13.94
N LEU A 47 -2.67 -16.48 -13.53
CA LEU A 47 -1.61 -16.89 -14.45
C LEU A 47 -1.61 -18.38 -14.85
N ILE A 48 -1.45 -19.17 -13.79
CA ILE A 48 -1.22 -20.62 -13.79
C ILE A 48 -2.10 -21.37 -12.81
N TYR A 49 -2.74 -22.47 -13.26
CA TYR A 49 -3.42 -23.39 -12.36
C TYR A 49 -2.97 -24.84 -12.50
N TYR A 50 -3.15 -25.67 -11.47
CA TYR A 50 -2.82 -27.10 -11.51
C TYR A 50 -1.34 -27.33 -11.72
N THR A 51 -0.64 -26.55 -10.88
CA THR A 51 0.83 -26.36 -10.84
C THR A 51 1.49 -25.57 -11.93
N SER A 52 1.24 -26.04 -13.15
CA SER A 52 1.91 -25.56 -14.36
C SER A 52 1.13 -25.25 -15.63
N ARG A 53 -0.21 -25.25 -15.54
CA ARG A 53 -1.04 -24.99 -16.71
C ARG A 53 -1.39 -23.51 -16.82
N LEU A 54 -1.04 -22.92 -17.98
CA LEU A 54 -1.32 -21.52 -18.23
C LEU A 54 -2.74 -21.12 -18.61
N HIS A 55 -3.27 -20.19 -17.82
CA HIS A 55 -4.56 -19.59 -18.10
C HIS A 55 -4.47 -18.82 -19.40
N SER A 56 -5.47 -18.93 -20.26
CA SER A 56 -5.45 -18.27 -21.57
C SER A 56 -4.99 -16.83 -21.68
N GLY A 57 -4.08 -16.56 -22.62
CA GLY A 57 -3.61 -15.19 -22.79
C GLY A 57 -2.37 -14.83 -21.97
N VAL A 58 -2.07 -15.55 -20.87
CA VAL A 58 -0.82 -15.42 -20.12
C VAL A 58 0.34 -15.71 -21.06
N PRO A 59 1.34 -14.85 -21.31
CA PRO A 59 2.43 -15.14 -22.22
C PRO A 59 3.33 -16.28 -21.72
N SER A 60 4.00 -17.02 -22.62
CA SER A 60 4.82 -18.16 -22.22
C SER A 60 6.09 -17.87 -21.45
N ARG A 61 6.32 -16.61 -21.12
CA ARG A 61 7.40 -16.22 -20.23
C ARG A 61 7.18 -16.79 -18.83
N PHE A 62 5.92 -17.12 -18.50
CA PHE A 62 5.59 -17.74 -17.22
C PHE A 62 5.52 -19.26 -17.29
N SER A 63 5.90 -19.90 -16.18
CA SER A 63 5.88 -21.36 -16.05
C SER A 63 5.86 -21.92 -14.64
N GLY A 64 4.97 -22.85 -14.39
CA GLY A 64 4.91 -23.45 -13.09
C GLY A 64 5.67 -24.76 -13.03
N SER A 65 6.25 -25.02 -11.87
CA SER A 65 6.88 -26.29 -11.57
C SER A 65 6.56 -26.66 -10.16
N GLY A 66 6.55 -27.93 -9.83
CA GLY A 66 6.30 -28.35 -8.47
C GLY A 66 5.73 -29.74 -8.36
N SER A 67 5.94 -30.27 -7.16
CA SER A 67 5.44 -31.57 -6.73
C SER A 67 5.34 -31.60 -5.20
N GLY A 68 4.25 -32.14 -4.67
CA GLY A 68 4.13 -32.25 -3.22
C GLY A 68 4.09 -30.98 -2.39
N THR A 69 5.09 -30.52 -1.69
CA THR A 69 4.90 -29.25 -0.98
C THR A 69 5.61 -28.04 -1.56
N ASP A 70 6.50 -28.28 -2.53
CA ASP A 70 7.37 -27.24 -3.04
C ASP A 70 7.11 -26.86 -4.48
N TYR A 71 6.68 -25.62 -4.69
CA TYR A 71 6.33 -25.12 -6.03
C TYR A 71 7.02 -23.81 -6.41
N SER A 72 7.18 -23.66 -7.70
CA SER A 72 7.86 -22.52 -8.30
C SER A 72 7.13 -21.87 -9.46
N LEU A 73 7.26 -20.52 -9.49
CA LEU A 73 6.79 -19.69 -10.61
C LEU A 73 8.01 -19.17 -11.34
N THR A 74 8.07 -19.35 -12.65
CA THR A 74 9.23 -18.88 -13.37
C THR A 74 8.90 -17.88 -14.45
N ILE A 75 9.60 -16.75 -14.37
CA ILE A 75 9.43 -15.73 -15.38
C ILE A 75 10.72 -15.64 -16.17
N SER A 76 10.74 -16.30 -17.31
CA SER A 76 11.83 -16.12 -18.27
C SER A 76 11.80 -14.67 -18.71
N ASN A 77 12.94 -14.02 -18.94
CA ASN A 77 12.97 -12.67 -19.50
C ASN A 77 12.07 -11.66 -18.82
N LEU A 78 12.41 -11.18 -17.63
CA LEU A 78 11.58 -10.22 -16.93
C LEU A 78 11.19 -8.96 -17.74
N GLU A 79 9.93 -8.89 -18.18
CA GLU A 79 9.43 -7.68 -18.80
C GLU A 79 8.96 -6.68 -17.76
N HIS A 80 8.73 -5.45 -18.23
CA HIS A 80 8.21 -4.36 -17.43
C HIS A 80 6.85 -4.59 -16.79
N GLU A 81 5.94 -5.15 -17.57
CA GLU A 81 4.61 -5.47 -17.07
C GLU A 81 4.51 -6.52 -15.98
N ASP A 82 5.61 -7.23 -15.73
CA ASP A 82 5.64 -8.25 -14.72
C ASP A 82 5.86 -7.74 -13.30
N ILE A 83 6.18 -6.45 -13.10
CA ILE A 83 6.30 -5.88 -11.76
C ILE A 83 4.91 -5.71 -11.19
N ALA A 84 4.80 -6.69 -10.32
CA ALA A 84 3.60 -7.02 -9.64
C ALA A 84 3.85 -7.79 -8.36
N THR A 85 2.79 -8.24 -7.69
CA THR A 85 2.96 -9.14 -6.55
C THR A 85 2.36 -10.48 -6.90
N TYR A 86 3.12 -11.57 -6.75
CA TYR A 86 2.57 -12.91 -7.02
C TYR A 86 2.23 -13.66 -5.75
N PHE A 87 1.09 -14.36 -5.81
CA PHE A 87 0.64 -15.20 -4.71
C PHE A 87 0.34 -16.65 -5.18
N CYS A 88 0.60 -17.63 -4.30
CA CYS A 88 0.25 -19.00 -4.61
C CYS A 88 -0.89 -19.37 -3.72
N GLN A 89 -1.78 -20.18 -4.24
CA GLN A 89 -2.90 -20.65 -3.45
C GLN A 89 -2.96 -22.18 -3.58
N GLN A 90 -3.48 -22.87 -2.58
CA GLN A 90 -3.70 -24.30 -2.74
C GLN A 90 -5.16 -24.61 -2.93
N GLY A 91 -5.35 -25.77 -3.54
CA GLY A 91 -6.69 -26.21 -3.83
C GLY A 91 -6.99 -27.65 -3.51
N SER A 92 -6.41 -28.22 -2.44
CA SER A 92 -6.76 -29.60 -2.05
C SER A 92 -7.73 -29.63 -0.87
N THR A 93 -7.30 -28.95 0.18
CA THR A 93 -8.08 -28.78 1.40
C THR A 93 -8.92 -27.52 1.33
N LEU A 94 -9.90 -27.47 2.23
CA LEU A 94 -10.69 -26.28 2.49
C LEU A 94 -10.39 -25.78 3.91
N PRO A 95 -10.32 -24.47 4.18
CA PRO A 95 -10.39 -23.40 3.21
C PRO A 95 -9.35 -23.40 2.09
N ARG A 96 -9.68 -22.66 1.03
CA ARG A 96 -8.69 -22.45 0.02
C ARG A 96 -7.79 -21.41 0.67
N THR A 97 -6.49 -21.69 0.82
CA THR A 97 -5.56 -20.74 1.43
C THR A 97 -4.55 -20.17 0.48
N PHE A 98 -3.81 -19.16 0.92
CA PHE A 98 -2.93 -18.40 0.02
C PHE A 98 -1.57 -18.13 0.68
N GLY A 99 -0.55 -17.74 -0.08
CA GLY A 99 0.73 -17.29 0.46
C GLY A 99 0.72 -15.77 0.66
N GLY A 100 1.60 -15.26 1.51
CA GLY A 100 1.62 -13.83 1.83
C GLY A 100 1.95 -12.90 0.66
N GLY A 101 2.33 -13.41 -0.51
CA GLY A 101 2.74 -12.58 -1.64
C GLY A 101 4.24 -12.35 -1.73
N THR A 102 4.73 -12.12 -2.95
CA THR A 102 6.13 -11.80 -3.21
C THR A 102 6.19 -10.73 -4.26
N LYS A 103 6.78 -9.56 -3.97
CA LYS A 103 6.74 -8.57 -5.02
C LYS A 103 8.05 -8.25 -5.68
N LEU A 104 7.93 -8.38 -7.00
CA LEU A 104 8.99 -7.98 -7.89
C LEU A 104 9.21 -6.47 -7.89
N GLU A 105 10.43 -5.97 -7.60
CA GLU A 105 10.76 -4.55 -7.84
C GLU A 105 11.87 -4.55 -8.90
N ILE A 106 12.16 -3.40 -9.48
CA ILE A 106 13.19 -3.40 -10.52
C ILE A 106 14.57 -2.96 -10.04
N LYS A 107 15.59 -3.64 -10.54
CA LYS A 107 16.93 -3.21 -10.23
C LYS A 107 17.31 -2.05 -11.12
N ARG A 108 17.79 -1.01 -10.45
CA ARG A 108 18.42 0.08 -11.18
C ARG A 108 19.78 0.47 -10.54
N ALA A 109 20.56 1.33 -11.24
CA ALA A 109 21.85 1.84 -10.77
C ALA A 109 21.85 2.38 -9.34
N ASP A 110 22.83 2.16 -8.43
CA ASP A 110 22.82 2.75 -7.08
C ASP A 110 22.44 4.22 -7.10
N ALA A 111 21.43 4.64 -6.29
CA ALA A 111 20.99 6.04 -6.22
C ALA A 111 21.04 6.56 -4.81
N ALA A 112 21.71 7.67 -4.63
CA ALA A 112 21.91 8.25 -3.32
C ALA A 112 20.81 9.14 -2.78
N PRO A 113 20.43 9.04 -1.49
CA PRO A 113 19.31 9.77 -0.93
C PRO A 113 19.56 11.26 -0.74
N THR A 114 18.57 12.06 -1.17
CA THR A 114 18.66 13.50 -0.97
C THR A 114 17.91 13.84 0.31
N VAL A 115 18.58 13.87 1.44
CA VAL A 115 17.88 14.21 2.67
C VAL A 115 17.92 15.71 2.96
N SER A 116 16.89 16.13 3.72
CA SER A 116 16.56 17.51 4.04
C SER A 116 15.91 17.60 5.41
N ILE A 117 16.28 18.55 6.27
CA ILE A 117 15.69 18.61 7.60
C ILE A 117 15.07 19.99 7.82
N PHE A 118 13.85 19.88 8.28
CA PHE A 118 12.97 21.04 8.46
C PHE A 118 12.64 21.29 9.91
N PRO A 119 12.83 22.52 10.42
CA PRO A 119 12.42 22.85 11.79
C PRO A 119 10.91 22.78 12.04
N PRO A 120 10.40 22.90 13.24
CA PRO A 120 9.00 23.23 13.52
C PRO A 120 8.67 24.64 13.09
N SER A 121 7.47 24.79 12.55
CA SER A 121 7.07 26.11 12.10
C SER A 121 6.28 26.88 13.14
N SER A 122 6.50 28.19 13.17
CA SER A 122 5.81 29.12 14.09
C SER A 122 4.31 28.93 14.27
N GLU A 123 3.56 28.61 13.20
CA GLU A 123 2.13 28.34 13.32
C GLU A 123 1.83 27.11 14.17
N GLN A 124 2.57 26.01 13.95
CA GLN A 124 2.44 24.78 14.73
C GLN A 124 2.76 24.95 16.20
N LEU A 125 3.85 25.67 16.45
CA LEU A 125 4.27 26.02 17.80
C LEU A 125 3.18 26.82 18.55
N THR A 126 2.56 27.81 17.88
CA THR A 126 1.35 28.50 18.39
C THR A 126 0.28 27.46 18.73
N SER A 127 0.01 26.53 17.83
CA SER A 127 -0.93 25.45 18.09
C SER A 127 -0.37 24.36 19.03
N GLY A 128 0.49 24.72 20.00
CA GLY A 128 0.91 23.82 21.09
C GLY A 128 2.20 22.98 21.03
N GLY A 129 2.38 22.14 19.99
CA GLY A 129 3.56 21.28 19.89
C GLY A 129 4.34 21.40 18.59
N ALA A 130 5.50 20.78 18.56
CA ALA A 130 6.41 20.91 17.44
C ALA A 130 6.95 19.62 16.85
N SER A 131 6.78 19.43 15.54
CA SER A 131 7.37 18.28 14.89
C SER A 131 8.52 18.61 13.94
N VAL A 132 9.70 18.02 14.16
CA VAL A 132 10.80 18.15 13.20
C VAL A 132 10.59 17.08 12.10
N VAL A 133 10.96 17.35 10.84
CA VAL A 133 10.76 16.42 9.73
C VAL A 133 11.99 16.30 8.86
N CYS A 134 12.26 15.08 8.43
CA CYS A 134 13.39 14.85 7.59
C CYS A 134 12.90 14.12 6.37
N PHE A 135 13.21 14.58 5.16
CA PHE A 135 12.83 13.81 4.00
C PHE A 135 14.08 13.16 3.50
N LEU A 136 14.08 11.85 3.24
CA LEU A 136 15.20 11.16 2.62
C LEU A 136 14.67 10.87 1.24
N ASN A 137 14.92 11.63 0.17
CA ASN A 137 14.26 11.37 -1.11
C ASN A 137 15.06 10.76 -2.21
N ASN A 138 14.36 10.02 -3.05
CA ASN A 138 14.92 9.39 -4.24
C ASN A 138 16.17 8.55 -4.08
N PHE A 139 16.10 7.51 -3.27
CA PHE A 139 17.19 6.56 -3.13
C PHE A 139 16.86 5.17 -3.65
N TYR A 140 17.89 4.54 -4.20
CA TYR A 140 17.81 3.13 -4.48
C TYR A 140 19.15 2.56 -4.00
N PRO A 141 19.28 1.32 -3.50
CA PRO A 141 18.20 0.45 -2.99
C PRO A 141 17.25 0.91 -1.89
N LYS A 142 16.28 0.04 -1.65
CA LYS A 142 15.27 0.28 -0.64
C LYS A 142 15.82 0.26 0.79
N ASP A 143 16.97 -0.35 0.95
CA ASP A 143 17.59 -0.46 2.25
C ASP A 143 18.29 0.83 2.74
N ILE A 144 17.53 1.50 3.61
CA ILE A 144 18.03 2.70 4.26
C ILE A 144 17.76 2.53 5.75
N ASN A 145 18.61 3.14 6.57
CA ASN A 145 18.46 3.15 8.01
C ASN A 145 18.46 4.62 8.43
N VAL A 146 17.60 4.98 9.37
CA VAL A 146 17.48 6.37 9.83
C VAL A 146 17.32 6.50 11.34
N LYS A 147 18.06 7.44 11.95
CA LYS A 147 17.77 7.75 13.34
C LYS A 147 17.98 9.21 13.62
N TRP A 148 17.23 9.67 14.60
CA TRP A 148 17.35 11.04 15.02
C TRP A 148 18.29 11.19 16.20
N LYS A 149 19.37 11.93 16.00
CA LYS A 149 20.22 12.25 17.12
C LYS A 149 19.83 13.61 17.70
N ILE A 150 19.61 13.72 19.01
CA ILE A 150 19.33 15.01 19.62
C ILE A 150 20.46 15.32 20.61
N ASP A 151 21.31 16.28 20.31
CA ASP A 151 22.46 16.54 21.16
C ASP A 151 23.34 15.31 21.40
N GLY A 152 23.99 14.82 20.31
CA GLY A 152 24.85 13.64 20.36
C GLY A 152 24.15 12.30 20.48
N SER A 153 23.31 12.14 21.50
CA SER A 153 22.62 10.88 21.79
C SER A 153 21.28 10.69 21.10
N GLU A 154 21.01 9.50 20.54
CA GLU A 154 19.76 9.28 19.84
C GLU A 154 18.43 9.04 20.57
N ARG A 155 17.38 9.47 19.86
CA ARG A 155 15.99 9.34 20.26
C ARG A 155 15.00 8.85 19.22
N GLN A 156 14.43 7.74 19.66
CA GLN A 156 13.32 7.05 19.02
C GLN A 156 12.30 6.83 20.12
N ASN A 157 11.06 6.61 19.72
CA ASN A 157 9.83 6.62 20.54
C ASN A 157 9.32 8.06 20.63
N GLY A 158 8.93 8.42 19.39
CA GLY A 158 8.41 9.71 18.95
C GLY A 158 8.36 9.77 17.40
N VAL A 159 9.38 9.11 16.83
CA VAL A 159 9.62 8.95 15.39
C VAL A 159 8.53 8.17 14.67
N LEU A 160 8.23 8.53 13.41
CA LEU A 160 7.12 7.92 12.67
C LEU A 160 7.25 8.00 11.14
N ASN A 161 7.59 6.85 10.53
CA ASN A 161 7.98 6.80 9.12
C ASN A 161 6.99 6.59 8.01
N SER A 162 7.33 7.05 6.79
CA SER A 162 6.47 6.83 5.62
C SER A 162 7.19 6.63 4.30
N TRP A 163 7.36 5.36 3.93
CA TRP A 163 7.92 5.01 2.63
C TRP A 163 6.93 5.03 1.48
N THR A 164 7.37 5.29 0.27
CA THR A 164 6.54 5.07 -0.93
C THR A 164 7.02 3.77 -1.59
N ASP A 165 6.19 3.14 -2.43
CA ASP A 165 6.66 1.92 -3.09
C ASP A 165 7.63 2.38 -4.18
N GLN A 166 8.32 1.48 -4.87
CA GLN A 166 9.20 1.89 -5.94
C GLN A 166 8.55 2.85 -6.94
N ASP A 167 9.15 4.01 -7.23
CA ASP A 167 8.52 4.94 -8.14
C ASP A 167 8.39 4.41 -9.55
N SER A 168 7.24 4.65 -10.15
CA SER A 168 6.98 4.12 -11.49
C SER A 168 7.73 4.79 -12.65
N LYS A 169 8.13 6.04 -12.40
CA LYS A 169 8.93 6.76 -13.38
C LYS A 169 10.38 6.34 -13.26
N ASP A 170 11.05 6.62 -12.12
CA ASP A 170 12.48 6.33 -12.03
C ASP A 170 13.01 5.24 -11.09
N SER A 171 12.15 4.32 -10.61
CA SER A 171 12.56 3.17 -9.78
C SER A 171 13.25 3.46 -8.45
N THR A 172 12.92 4.62 -7.90
CA THR A 172 13.49 5.08 -6.65
C THR A 172 12.49 5.16 -5.48
N TYR A 173 13.01 5.21 -4.25
CA TYR A 173 12.16 5.31 -3.07
C TYR A 173 12.41 6.61 -2.37
N SER A 174 11.40 7.10 -1.72
CA SER A 174 11.54 8.30 -0.93
C SER A 174 10.82 7.96 0.35
N MET A 175 11.00 8.83 1.34
CA MET A 175 10.59 8.54 2.71
C MET A 175 10.57 9.79 3.59
N SER A 176 9.62 9.87 4.48
CA SER A 176 9.63 10.98 5.41
C SER A 176 9.60 10.47 6.83
N SER A 177 10.60 10.86 7.59
CA SER A 177 10.62 10.50 8.99
C SER A 177 10.32 11.77 9.75
N THR A 178 9.35 11.68 10.68
CA THR A 178 8.81 12.82 11.43
C THR A 178 8.92 12.62 12.92
N LEU A 179 9.80 13.32 13.66
CA LEU A 179 9.93 13.12 15.11
C LEU A 179 8.72 13.52 15.97
N THR A 180 7.93 14.60 15.76
CA THR A 180 6.81 14.94 16.67
C THR A 180 7.02 15.01 18.19
N LEU A 181 7.18 16.28 18.61
CA LEU A 181 7.42 16.76 19.97
C LEU A 181 6.39 17.79 20.48
N THR A 182 6.48 18.14 21.78
CA THR A 182 5.66 19.23 22.37
C THR A 182 6.49 20.51 22.40
N LYS A 183 5.91 21.73 22.39
CA LYS A 183 6.74 22.96 22.39
C LYS A 183 7.82 22.98 23.48
N ASP A 184 7.60 22.52 24.73
CA ASP A 184 8.67 22.44 25.73
C ASP A 184 9.72 21.34 25.56
N GLU A 185 9.39 20.13 25.08
CA GLU A 185 10.40 19.13 24.75
C GLU A 185 11.36 19.69 23.69
N TYR A 186 10.73 20.35 22.70
CA TYR A 186 11.45 21.09 21.68
C TYR A 186 12.24 22.28 22.24
N GLU A 187 11.73 23.06 23.22
CA GLU A 187 12.47 24.18 23.81
C GLU A 187 13.78 23.85 24.51
N ARG A 188 13.94 22.56 24.90
CA ARG A 188 15.23 22.02 25.30
C ARG A 188 15.91 21.37 24.09
N HIS A 189 17.25 21.22 24.14
CA HIS A 189 18.07 20.70 23.03
C HIS A 189 18.16 21.66 21.85
N ASN A 190 19.36 22.10 21.50
CA ASN A 190 19.50 23.03 20.38
C ASN A 190 19.65 22.26 19.08
N SER A 191 20.42 21.20 19.11
CA SER A 191 20.60 20.42 17.91
C SER A 191 19.54 19.37 17.80
N TYR A 192 19.19 19.26 16.52
CA TYR A 192 18.26 18.25 16.04
C TYR A 192 18.82 17.76 14.72
N THR A 193 19.06 16.45 14.78
CA THR A 193 19.72 15.70 13.72
C THR A 193 18.90 14.53 13.23
N CYS A 194 18.92 14.44 11.92
CA CYS A 194 18.33 13.34 11.18
C CYS A 194 19.52 12.64 10.53
N GLU A 195 19.63 11.32 10.66
CA GLU A 195 20.80 10.66 10.14
C GLU A 195 20.50 9.42 9.36
N ALA A 196 20.99 9.46 8.14
CA ALA A 196 20.78 8.36 7.21
C ALA A 196 21.98 7.47 6.90
N THR A 197 21.64 6.22 6.68
CA THR A 197 22.63 5.20 6.43
C THR A 197 22.25 4.43 5.19
N HIS A 198 23.07 4.43 4.14
CA HIS A 198 22.73 3.68 2.92
C HIS A 198 23.92 3.03 2.16
N LYS A 199 23.61 2.10 1.25
CA LYS A 199 24.61 1.39 0.40
C LYS A 199 25.63 2.25 -0.33
N THR A 200 25.08 3.35 -0.85
CA THR A 200 25.82 4.33 -1.64
C THR A 200 26.76 5.23 -0.85
N SER A 201 26.98 4.89 0.44
CA SER A 201 27.83 5.65 1.34
C SER A 201 28.33 4.97 2.60
N THR A 202 29.67 5.05 2.73
CA THR A 202 30.46 4.59 3.89
C THR A 202 30.64 5.65 4.97
N SER A 203 30.02 6.80 4.68
CA SER A 203 29.79 7.85 5.65
C SER A 203 28.29 7.81 5.93
N PRO A 204 27.82 7.79 7.18
CA PRO A 204 26.54 8.38 7.59
C PRO A 204 26.16 9.76 7.02
N ILE A 205 25.07 9.88 6.24
CA ILE A 205 24.69 11.18 5.74
C ILE A 205 23.92 11.94 6.84
N VAL A 206 24.64 12.92 7.35
CA VAL A 206 24.07 13.71 8.42
C VAL A 206 23.48 15.04 7.97
N LYS A 207 22.28 15.32 8.47
CA LYS A 207 21.65 16.59 8.21
C LYS A 207 21.14 17.15 9.53
N SER A 208 21.77 18.22 10.04
CA SER A 208 21.38 18.86 11.31
C SER A 208 20.87 20.29 11.20
N PHE A 209 20.20 20.77 12.26
CA PHE A 209 19.93 22.19 12.37
C PHE A 209 20.03 22.52 13.85
N ASN A 210 20.37 23.79 14.04
CA ASN A 210 20.44 24.33 15.38
C ASN A 210 19.40 25.42 15.64
N ARG A 211 18.56 25.02 16.58
CA ARG A 211 17.44 25.79 17.09
C ARG A 211 17.72 27.25 17.53
N ASN A 212 18.94 27.52 18.01
CA ASN A 212 19.41 28.88 18.22
C ASN A 212 20.71 29.15 17.47
N GLU A 213 20.29 29.27 16.22
CA GLU A 213 20.94 29.69 14.96
C GLU A 213 19.79 30.15 14.02
N CYS A 214 18.55 29.84 14.48
CA CYS A 214 17.26 30.32 13.98
C CYS A 214 16.64 31.30 15.00
N GLN B 1 -17.33 -13.84 -21.99
CA GLN B 1 -16.90 -12.43 -21.86
C GLN B 1 -16.33 -12.07 -20.49
N VAL B 2 -17.06 -12.57 -19.48
CA VAL B 2 -16.85 -12.45 -18.04
C VAL B 2 -16.29 -11.16 -17.45
N GLN B 3 -17.21 -10.53 -16.71
CA GLN B 3 -16.94 -9.29 -16.00
C GLN B 3 -17.68 -9.21 -14.64
N LEU B 4 -16.98 -8.81 -13.57
CA LEU B 4 -17.62 -8.66 -12.28
C LEU B 4 -17.47 -7.23 -11.80
N GLN B 5 -18.59 -6.62 -11.49
CA GLN B 5 -18.59 -5.23 -11.11
C GLN B 5 -18.87 -5.09 -9.63
N GLN B 6 -17.88 -4.82 -8.79
CA GLN B 6 -18.22 -4.63 -7.39
C GLN B 6 -18.74 -3.27 -6.97
N SER B 7 -19.53 -3.24 -5.89
CA SER B 7 -20.07 -2.00 -5.30
C SER B 7 -18.96 -0.96 -5.01
N GLY B 8 -19.31 0.31 -4.84
CA GLY B 8 -18.32 1.32 -4.47
C GLY B 8 -17.89 1.23 -3.01
N ALA B 9 -16.69 1.73 -2.74
CA ALA B 9 -16.19 1.83 -1.39
C ALA B 9 -17.11 2.41 -0.34
N GLU B 10 -17.08 1.84 0.87
CA GLU B 10 -17.86 2.33 1.99
C GLU B 10 -17.05 2.75 3.22
N LEU B 11 -17.31 3.94 3.80
CA LEU B 11 -16.78 4.25 5.13
C LEU B 11 -17.90 3.97 6.11
N VAL B 12 -17.59 3.35 7.25
CA VAL B 12 -18.62 2.92 8.19
C VAL B 12 -18.23 2.96 9.69
N ARG B 13 -19.21 3.19 10.56
CA ARG B 13 -18.97 3.21 12.00
C ARG B 13 -18.93 1.83 12.65
N ALA B 14 -17.92 1.53 13.52
CA ALA B 14 -17.82 0.23 14.18
C ALA B 14 -19.11 -0.29 14.80
N GLY B 15 -19.27 -1.60 14.94
CA GLY B 15 -20.55 -2.20 15.34
C GLY B 15 -21.66 -2.23 14.26
N SER B 16 -21.53 -1.51 13.14
CA SER B 16 -22.58 -1.48 12.13
C SER B 16 -22.68 -2.73 11.27
N SER B 17 -23.01 -2.64 9.99
CA SER B 17 -23.01 -3.79 9.09
C SER B 17 -22.90 -3.33 7.65
N VAL B 18 -22.46 -4.14 6.69
CA VAL B 18 -22.43 -3.69 5.31
C VAL B 18 -22.72 -4.78 4.31
N LYS B 19 -23.55 -4.48 3.32
CA LYS B 19 -23.88 -5.40 2.26
C LYS B 19 -23.18 -5.01 0.98
N MET B 20 -22.18 -5.74 0.47
CA MET B 20 -21.59 -5.36 -0.83
C MET B 20 -22.23 -6.11 -2.01
N SER B 21 -21.97 -5.74 -3.26
CA SER B 21 -22.50 -6.45 -4.43
C SER B 21 -21.37 -6.82 -5.38
N CYS B 22 -21.70 -7.71 -6.32
CA CYS B 22 -20.79 -8.18 -7.37
C CYS B 22 -21.65 -8.47 -8.58
N LYS B 23 -22.00 -7.49 -9.43
CA LYS B 23 -22.79 -7.77 -10.62
C LYS B 23 -21.99 -8.66 -11.57
N ALA B 24 -22.35 -9.93 -11.73
CA ALA B 24 -21.68 -10.72 -12.76
C ALA B 24 -22.28 -10.50 -14.15
N SER B 25 -21.40 -10.59 -15.17
CA SER B 25 -21.77 -10.50 -16.60
C SER B 25 -20.94 -11.35 -17.55
N GLY B 26 -21.40 -11.47 -18.79
CA GLY B 26 -20.67 -12.21 -19.82
C GLY B 26 -20.67 -13.72 -19.75
N TYR B 27 -21.25 -14.29 -18.68
CA TYR B 27 -21.37 -15.74 -18.45
C TYR B 27 -22.69 -16.11 -17.77
N THR B 28 -23.22 -17.36 -17.84
CA THR B 28 -24.48 -17.71 -17.16
C THR B 28 -24.26 -17.90 -15.66
N PHE B 29 -24.72 -16.93 -14.87
CA PHE B 29 -24.47 -16.85 -13.44
C PHE B 29 -24.58 -18.12 -12.62
N THR B 30 -25.69 -18.84 -12.82
CA THR B 30 -25.92 -20.08 -12.07
C THR B 30 -24.94 -21.22 -12.33
N SER B 31 -24.32 -21.17 -13.52
CA SER B 31 -23.32 -22.15 -13.96
C SER B 31 -21.97 -22.10 -13.24
N TYR B 32 -21.59 -20.98 -12.58
CA TYR B 32 -20.28 -20.87 -11.93
C TYR B 32 -20.35 -20.46 -10.48
N GLY B 33 -19.39 -20.81 -9.64
CA GLY B 33 -19.49 -20.41 -8.25
C GLY B 33 -18.86 -19.06 -7.94
N VAL B 34 -19.18 -18.39 -6.85
CA VAL B 34 -18.50 -17.16 -6.51
C VAL B 34 -17.94 -17.20 -5.10
N ASN B 35 -16.70 -16.72 -4.96
CA ASN B 35 -16.00 -16.64 -3.68
C ASN B 35 -15.78 -15.21 -3.17
N TRP B 36 -15.83 -14.90 -1.88
CA TRP B 36 -15.37 -13.58 -1.45
C TRP B 36 -14.03 -13.76 -0.77
N VAL B 37 -13.06 -12.91 -1.15
CA VAL B 37 -11.67 -12.98 -0.66
C VAL B 37 -11.25 -11.64 -0.03
N LYS B 38 -10.76 -11.51 1.19
CA LYS B 38 -10.26 -10.19 1.59
C LYS B 38 -8.74 -10.01 1.61
N GLN B 39 -8.26 -8.76 1.55
CA GLN B 39 -6.84 -8.49 1.68
C GLN B 39 -6.53 -7.39 2.68
N ARG B 40 -6.01 -7.62 3.91
CA ARG B 40 -5.63 -6.48 4.72
C ARG B 40 -4.29 -5.93 4.20
N PRO B 41 -3.97 -4.65 4.29
CA PRO B 41 -2.83 -4.04 3.58
C PRO B 41 -1.49 -4.50 4.18
N GLY B 42 -0.87 -5.47 3.52
CA GLY B 42 0.43 -5.99 4.00
C GLY B 42 0.45 -7.44 4.50
N GLN B 43 -0.72 -8.04 4.35
CA GLN B 43 -0.91 -9.47 4.56
C GLN B 43 -1.41 -9.99 3.21
N GLY B 44 -1.53 -11.32 3.07
CA GLY B 44 -1.98 -11.87 1.80
C GLY B 44 -3.47 -11.79 1.62
N LEU B 45 -3.93 -12.47 0.58
CA LEU B 45 -5.35 -12.66 0.41
C LEU B 45 -5.82 -13.71 1.42
N GLU B 46 -7.09 -13.72 1.77
CA GLU B 46 -7.69 -14.85 2.49
C GLU B 46 -9.15 -15.12 2.08
N TRP B 47 -9.51 -16.40 1.91
CA TRP B 47 -10.84 -16.77 1.44
C TRP B 47 -11.88 -16.72 2.53
N ILE B 48 -12.93 -15.92 2.33
CA ILE B 48 -14.09 -15.84 3.23
C ILE B 48 -15.08 -17.00 2.99
N GLY B 49 -15.47 -17.24 1.74
CA GLY B 49 -16.42 -18.29 1.44
C GLY B 49 -16.72 -18.46 -0.04
N TYR B 50 -17.63 -19.39 -0.29
CA TYR B 50 -18.05 -19.75 -1.64
C TYR B 50 -19.56 -19.96 -1.71
N ILE B 51 -20.15 -19.63 -2.84
CA ILE B 51 -21.55 -19.92 -3.04
C ILE B 51 -21.88 -20.31 -4.48
N ASN B 52 -22.47 -21.50 -4.71
CA ASN B 52 -22.87 -21.84 -6.07
C ASN B 52 -24.30 -21.40 -6.34
N PRO B 53 -24.59 -20.55 -7.32
CA PRO B 53 -25.95 -20.06 -7.64
C PRO B 53 -26.98 -20.99 -8.32
N GLY B 54 -26.47 -21.98 -9.06
CA GLY B 54 -27.31 -23.01 -9.69
C GLY B 54 -27.45 -24.23 -8.79
N LYS B 55 -28.37 -24.01 -7.84
CA LYS B 55 -28.63 -24.94 -6.73
C LYS B 55 -27.36 -25.38 -6.01
N GLY B 56 -27.52 -26.23 -4.98
CA GLY B 56 -26.41 -26.43 -4.08
C GLY B 56 -26.25 -25.15 -3.26
N TYR B 57 -25.42 -25.21 -2.23
CA TYR B 57 -25.37 -24.06 -1.36
C TYR B 57 -23.95 -23.51 -1.26
N LEU B 58 -23.40 -23.58 -0.05
CA LEU B 58 -22.20 -22.85 0.26
C LEU B 58 -21.23 -23.43 1.27
N SER B 59 -20.05 -22.85 1.12
CA SER B 59 -18.97 -23.12 2.03
C SER B 59 -18.50 -21.79 2.62
N TYR B 60 -17.85 -21.87 3.77
CA TYR B 60 -17.31 -20.74 4.53
C TYR B 60 -15.98 -21.05 5.17
N ASN B 61 -15.03 -20.13 5.25
CA ASN B 61 -13.88 -20.30 6.12
C ASN B 61 -14.49 -20.10 7.49
N GLU B 62 -14.26 -21.11 8.34
CA GLU B 62 -14.86 -21.14 9.66
C GLU B 62 -14.56 -19.97 10.57
N LYS B 63 -13.51 -19.18 10.31
CA LYS B 63 -13.28 -18.00 11.13
C LYS B 63 -14.13 -16.76 10.79
N PHE B 64 -14.67 -16.79 9.57
CA PHE B 64 -15.61 -15.78 9.07
C PHE B 64 -17.11 -16.13 9.23
N LYS B 65 -17.50 -17.38 9.56
CA LYS B 65 -18.90 -17.77 9.74
C LYS B 65 -19.52 -17.08 10.96
N GLY B 66 -20.44 -16.16 10.73
CA GLY B 66 -21.04 -15.41 11.85
C GLY B 66 -21.05 -13.92 11.57
N LYS B 67 -19.84 -13.46 11.24
CA LYS B 67 -19.62 -12.12 10.73
C LYS B 67 -20.26 -12.08 9.32
N THR B 68 -20.07 -13.15 8.57
CA THR B 68 -20.44 -13.21 7.16
C THR B 68 -21.77 -13.83 6.75
N THR B 69 -22.40 -13.24 5.73
CA THR B 69 -23.53 -13.88 5.09
C THR B 69 -23.44 -13.75 3.57
N LEU B 70 -23.34 -14.89 2.92
CA LEU B 70 -23.27 -14.98 1.47
C LEU B 70 -24.64 -15.28 0.85
N THR B 71 -25.17 -14.34 0.09
CA THR B 71 -26.47 -14.52 -0.58
C THR B 71 -26.43 -14.21 -2.08
N VAL B 72 -27.53 -14.47 -2.75
CA VAL B 72 -27.64 -14.25 -4.19
C VAL B 72 -28.98 -13.72 -4.77
N ASP B 73 -28.96 -13.04 -5.90
CA ASP B 73 -30.12 -12.46 -6.57
C ASP B 73 -30.04 -13.03 -7.97
N ARG B 74 -30.36 -14.31 -8.15
CA ARG B 74 -30.19 -15.00 -9.44
C ARG B 74 -30.54 -14.31 -10.73
N SER B 75 -31.57 -13.53 -10.45
CA SER B 75 -32.23 -12.62 -11.36
C SER B 75 -31.33 -11.50 -11.86
N SER B 76 -30.93 -10.57 -11.00
CA SER B 76 -30.03 -9.49 -11.37
C SER B 76 -28.58 -9.88 -11.61
N SER B 77 -28.28 -11.17 -11.39
CA SER B 77 -26.94 -11.74 -11.44
C SER B 77 -25.92 -11.16 -10.47
N THR B 78 -26.44 -10.72 -9.34
CA THR B 78 -25.58 -10.16 -8.32
C THR B 78 -25.38 -11.10 -7.11
N ALA B 79 -24.13 -11.08 -6.66
CA ALA B 79 -23.79 -11.75 -5.42
C ALA B 79 -23.64 -10.64 -4.44
N TYR B 80 -23.95 -10.94 -3.20
CA TYR B 80 -23.88 -10.00 -2.08
C TYR B 80 -23.08 -10.65 -0.96
N MET B 81 -22.58 -9.80 -0.08
CA MET B 81 -21.88 -10.27 1.09
C MET B 81 -22.24 -9.30 2.19
N GLN B 82 -22.56 -9.84 3.35
CA GLN B 82 -22.95 -8.98 4.42
C GLN B 82 -22.02 -9.25 5.56
N LEU B 83 -21.35 -8.21 5.98
CA LEU B 83 -20.56 -8.33 7.19
C LEU B 83 -21.28 -7.75 8.39
N ARG B 84 -21.14 -8.40 9.54
CA ARG B 84 -21.77 -7.95 10.77
C ARG B 84 -20.79 -7.57 11.83
N SER B 85 -21.23 -6.73 12.77
CA SER B 85 -20.39 -6.24 13.86
C SER B 85 -19.03 -5.76 13.41
N LEU B 86 -19.08 -4.78 12.51
CA LEU B 86 -17.88 -4.22 11.95
C LEU B 86 -16.91 -3.66 12.98
N THR B 87 -15.75 -4.30 12.98
CA THR B 87 -14.56 -3.98 13.81
C THR B 87 -13.51 -3.38 12.90
N SER B 88 -12.52 -2.64 13.42
CA SER B 88 -11.51 -2.02 12.54
C SER B 88 -10.66 -3.06 11.81
N GLU B 89 -10.57 -4.26 12.40
CA GLU B 89 -9.88 -5.37 11.77
C GLU B 89 -10.54 -5.95 10.53
N ASP B 90 -11.75 -5.44 10.28
CA ASP B 90 -12.54 -5.74 9.10
C ASP B 90 -12.23 -4.74 7.98
N ALA B 91 -11.33 -3.77 8.22
CA ALA B 91 -10.93 -2.82 7.17
C ALA B 91 -9.92 -3.44 6.22
N ALA B 92 -10.38 -3.63 5.00
CA ALA B 92 -9.59 -4.33 4.00
C ALA B 92 -10.17 -4.21 2.61
N VAL B 93 -9.45 -4.49 1.51
CA VAL B 93 -10.16 -4.58 0.24
C VAL B 93 -10.76 -5.98 0.09
N TYR B 94 -11.96 -6.00 -0.46
CA TYR B 94 -12.71 -7.23 -0.60
C TYR B 94 -12.95 -7.54 -2.05
N PHE B 95 -12.47 -8.70 -2.51
CA PHE B 95 -12.70 -9.17 -3.88
C PHE B 95 -13.75 -10.28 -4.07
N CYS B 96 -14.52 -10.30 -5.15
CA CYS B 96 -15.30 -11.49 -5.47
C CYS B 96 -14.68 -12.00 -6.75
N ALA B 97 -14.44 -13.30 -6.68
CA ALA B 97 -13.81 -14.03 -7.73
C ALA B 97 -14.71 -15.15 -8.20
N ARG B 98 -14.57 -15.61 -9.42
CA ARG B 98 -15.39 -16.72 -9.89
C ARG B 98 -14.56 -17.99 -10.08
N SER B 99 -15.03 -19.08 -9.53
CA SER B 99 -14.38 -20.35 -9.77
C SER B 99 -14.82 -20.97 -11.06
N PHE B 100 -13.89 -21.49 -11.88
CA PHE B 100 -14.18 -22.30 -13.06
C PHE B 100 -15.21 -23.44 -12.84
N TYR B 101 -15.89 -23.87 -13.92
CA TYR B 101 -16.98 -24.85 -13.86
C TYR B 101 -16.72 -26.31 -13.56
N GLY B 102 -17.66 -26.94 -12.86
CA GLY B 102 -17.56 -28.37 -12.58
C GLY B 102 -17.61 -28.74 -11.09
N GLY B 103 -17.19 -27.83 -10.20
CA GLY B 103 -17.27 -28.15 -8.77
C GLY B 103 -16.64 -27.21 -7.74
N SER B 104 -16.15 -28.01 -6.78
CA SER B 104 -15.50 -27.69 -5.51
C SER B 104 -15.92 -28.59 -4.34
N ASP B 105 -14.87 -29.00 -3.61
CA ASP B 105 -14.80 -29.91 -2.44
C ASP B 105 -13.28 -30.16 -2.31
N LEU B 106 -12.78 -30.73 -3.41
CA LEU B 106 -11.36 -30.74 -3.80
C LEU B 106 -11.34 -29.72 -4.94
N ALA B 107 -10.30 -29.48 -5.73
CA ALA B 107 -10.41 -28.55 -6.87
C ALA B 107 -11.59 -28.61 -7.91
N VAL B 108 -11.35 -28.00 -9.10
CA VAL B 108 -12.24 -27.61 -10.20
C VAL B 108 -12.53 -26.12 -9.93
N TYR B 109 -12.41 -25.70 -8.65
CA TYR B 109 -12.25 -24.30 -8.32
C TYR B 109 -10.80 -23.81 -8.62
N TYR B 110 -10.71 -22.51 -8.84
CA TYR B 110 -9.49 -21.76 -9.10
C TYR B 110 -10.09 -20.49 -9.67
N PHE B 111 -9.67 -19.35 -9.16
CA PHE B 111 -10.37 -18.13 -9.48
C PHE B 111 -9.89 -17.54 -10.78
N ASP B 112 -10.62 -17.90 -11.84
CA ASP B 112 -10.33 -17.45 -13.19
C ASP B 112 -10.78 -16.01 -13.52
N SER B 113 -11.63 -15.43 -12.70
CA SER B 113 -12.06 -14.05 -12.89
C SER B 113 -12.14 -13.26 -11.63
N TRP B 114 -11.57 -12.06 -11.62
CA TRP B 114 -11.67 -11.21 -10.44
C TRP B 114 -12.46 -9.87 -10.58
N GLY B 115 -13.07 -9.33 -9.53
CA GLY B 115 -13.66 -8.00 -9.59
C GLY B 115 -12.68 -6.98 -9.04
N GLN B 116 -12.87 -5.68 -9.24
CA GLN B 116 -11.87 -4.67 -8.82
C GLN B 116 -11.73 -4.50 -7.33
N GLY B 117 -12.71 -5.04 -6.60
CA GLY B 117 -12.67 -4.99 -5.16
C GLY B 117 -13.31 -3.77 -4.55
N THR B 118 -13.88 -3.93 -3.36
CA THR B 118 -14.58 -2.87 -2.64
C THR B 118 -13.90 -2.65 -1.32
N THR B 119 -13.71 -1.37 -0.98
CA THR B 119 -12.94 -0.98 0.21
C THR B 119 -13.73 -0.61 1.42
N LEU B 120 -13.58 -1.46 2.43
CA LEU B 120 -14.27 -1.26 3.68
C LEU B 120 -13.38 -0.52 4.63
N THR B 121 -13.80 0.69 5.04
CA THR B 121 -13.05 1.43 6.07
C THR B 121 -13.87 1.63 7.32
N VAL B 122 -13.43 0.97 8.37
CA VAL B 122 -14.18 1.04 9.61
C VAL B 122 -13.55 1.99 10.62
N SER B 123 -14.34 3.05 10.81
CA SER B 123 -13.99 4.10 11.74
C SER B 123 -15.13 4.76 12.50
N SER B 124 -14.76 5.05 13.74
CA SER B 124 -15.62 5.83 14.60
C SER B 124 -14.89 7.12 15.00
N ALA B 125 -14.83 7.87 13.89
CA ALA B 125 -14.22 9.19 13.82
C ALA B 125 -14.96 10.08 12.82
N LYS B 126 -15.32 11.27 13.31
CA LYS B 126 -16.07 12.26 12.53
C LYS B 126 -15.15 13.22 11.79
N THR B 127 -15.65 13.75 10.69
CA THR B 127 -14.84 14.63 9.88
C THR B 127 -14.21 15.84 10.56
N THR B 128 -12.87 15.70 10.51
CA THR B 128 -11.91 16.68 11.02
C THR B 128 -11.22 17.33 9.85
N PRO B 129 -11.09 18.67 9.86
CA PRO B 129 -10.39 19.43 8.83
C PRO B 129 -8.89 19.44 9.07
N PRO B 130 -8.03 19.37 8.03
CA PRO B 130 -6.58 19.33 8.10
C PRO B 130 -5.89 20.52 8.75
N SER B 131 -4.66 20.37 9.24
CA SER B 131 -3.91 21.51 9.79
C SER B 131 -2.64 21.61 8.97
N VAL B 132 -2.67 22.41 7.90
CA VAL B 132 -1.54 22.62 7.00
C VAL B 132 -0.36 23.46 7.51
N TYR B 133 0.79 22.82 7.77
CA TYR B 133 1.99 23.52 8.21
C TYR B 133 2.98 23.56 7.08
N PRO B 134 3.80 24.60 6.88
CA PRO B 134 4.79 24.70 5.82
C PRO B 134 6.23 24.48 6.25
N LEU B 135 6.74 23.39 5.76
CA LEU B 135 8.10 23.01 6.04
C LEU B 135 9.06 23.83 5.18
N ALA B 136 9.66 24.78 5.88
CA ALA B 136 10.65 25.65 5.26
C ALA B 136 12.09 25.30 5.64
N PRO B 137 13.08 25.49 4.76
CA PRO B 137 14.50 25.42 5.06
C PRO B 137 15.01 25.77 6.45
N GLY B 138 15.99 24.99 6.94
CA GLY B 138 16.60 25.24 8.24
C GLY B 138 17.67 26.34 8.32
N CYS B 139 17.90 26.86 9.53
CA CYS B 139 19.01 27.79 9.74
C CYS B 139 20.31 27.03 9.78
N GLY B 140 21.30 27.61 9.12
CA GLY B 140 22.61 26.98 8.97
C GLY B 140 22.75 26.00 7.80
N ASP B 141 21.65 25.63 7.13
CA ASP B 141 21.72 24.71 5.99
C ASP B 141 22.28 25.40 4.73
N THR B 142 23.60 25.20 4.71
CA THR B 142 24.57 25.85 3.81
C THR B 142 24.41 25.83 2.29
N THR B 143 23.41 26.62 1.89
CA THR B 143 23.07 26.97 0.50
C THR B 143 23.21 26.01 -0.68
N GLY B 144 22.26 25.07 -0.88
CA GLY B 144 22.30 24.13 -2.00
C GLY B 144 22.22 24.71 -3.42
N SER B 145 22.32 23.79 -4.40
CA SER B 145 22.12 24.08 -5.83
C SER B 145 20.65 23.93 -6.26
N SER B 146 19.90 23.39 -5.29
CA SER B 146 18.46 23.14 -5.31
C SER B 146 17.92 23.09 -3.90
N VAL B 147 16.63 23.36 -3.80
CA VAL B 147 15.96 23.52 -2.51
C VAL B 147 14.76 22.55 -2.42
N THR B 148 14.75 21.71 -1.38
CA THR B 148 13.61 20.83 -1.14
C THR B 148 12.71 21.53 -0.13
N LEU B 149 11.40 21.49 -0.36
CA LEU B 149 10.42 22.17 0.49
C LEU B 149 9.23 21.27 0.78
N GLY B 150 8.35 21.69 1.66
CA GLY B 150 7.22 20.82 1.96
C GLY B 150 6.13 21.45 2.78
N CYS B 151 5.05 20.67 2.82
CA CYS B 151 3.90 20.99 3.63
C CYS B 151 3.53 19.74 4.37
N LEU B 152 3.35 19.93 5.68
CA LEU B 152 2.92 18.87 6.58
C LEU B 152 1.40 18.96 6.80
N VAL B 153 0.61 18.01 6.30
CA VAL B 153 -0.83 18.10 6.45
C VAL B 153 -1.30 17.26 7.62
N LYS B 154 -1.57 17.78 8.82
CA LYS B 154 -2.00 16.85 9.87
C LYS B 154 -3.34 16.95 10.60
N GLY B 155 -3.77 15.77 11.05
CA GLY B 155 -4.99 15.68 11.81
C GLY B 155 -6.23 15.40 11.00
N TYR B 156 -6.16 15.31 9.67
CA TYR B 156 -7.40 15.11 8.94
C TYR B 156 -8.13 13.77 8.97
N PHE B 157 -9.47 13.80 8.90
CA PHE B 157 -10.34 12.64 8.69
C PHE B 157 -11.50 13.08 7.74
N PRO B 158 -11.90 12.37 6.65
CA PRO B 158 -11.31 11.17 6.07
C PRO B 158 -10.00 11.29 5.28
N GLU B 159 -9.47 10.23 4.62
CA GLU B 159 -8.13 10.32 4.08
C GLU B 159 -7.85 10.97 2.72
N SER B 160 -8.91 11.51 2.12
CA SER B 160 -8.76 12.23 0.86
C SER B 160 -8.60 13.76 0.90
N VAL B 161 -7.28 14.01 0.94
CA VAL B 161 -6.64 15.33 0.87
C VAL B 161 -5.88 15.46 -0.44
N THR B 162 -5.72 16.67 -0.99
CA THR B 162 -4.91 16.80 -2.20
C THR B 162 -3.93 17.93 -2.07
N VAL B 163 -2.64 17.62 -2.18
CA VAL B 163 -1.64 18.66 -2.08
C VAL B 163 -1.24 19.05 -3.49
N THR B 164 -1.15 20.33 -3.74
CA THR B 164 -0.77 20.80 -5.05
C THR B 164 0.15 22.01 -5.01
N TRP B 165 1.35 21.81 -5.54
CA TRP B 165 2.36 22.85 -5.59
C TRP B 165 2.25 23.72 -6.82
N ASN B 166 2.26 25.03 -6.50
CA ASN B 166 2.01 26.11 -7.46
C ASN B 166 0.81 25.87 -8.38
N SER B 167 -0.28 25.56 -7.65
CA SER B 167 -1.61 25.20 -8.19
C SER B 167 -1.66 24.53 -9.56
N GLY B 168 -0.87 23.42 -9.57
CA GLY B 168 -0.65 22.56 -10.72
C GLY B 168 0.46 23.05 -11.64
N SER B 169 1.72 22.63 -11.44
CA SER B 169 2.84 23.13 -12.28
C SER B 169 4.15 22.39 -12.10
N LEU B 170 4.56 22.24 -10.84
CA LEU B 170 5.76 21.48 -10.51
C LEU B 170 5.29 20.03 -10.25
N SER B 171 4.87 19.36 -11.31
CA SER B 171 4.31 17.99 -11.26
C SER B 171 5.31 16.86 -11.09
N SER B 172 6.48 17.29 -11.56
CA SER B 172 7.78 16.65 -11.39
C SER B 172 8.45 17.25 -10.15
N SER B 173 9.49 16.59 -9.60
CA SER B 173 10.12 16.94 -8.33
C SER B 173 9.22 17.02 -7.10
N VAL B 174 8.00 16.47 -7.25
CA VAL B 174 7.00 16.36 -6.19
C VAL B 174 6.78 14.96 -5.61
N HIS B 175 6.75 14.85 -4.30
CA HIS B 175 6.55 13.55 -3.68
C HIS B 175 5.42 13.62 -2.70
N THR B 176 4.50 12.71 -2.92
CA THR B 176 3.34 12.65 -2.06
C THR B 176 3.37 11.34 -1.32
N PHE B 177 3.75 11.48 -0.05
CA PHE B 177 3.91 10.32 0.80
C PHE B 177 2.57 9.80 1.33
N PRO B 178 2.48 8.46 1.50
CA PRO B 178 1.46 7.81 2.31
C PRO B 178 1.07 8.52 3.60
N ALA B 179 -0.25 8.53 3.72
CA ALA B 179 -0.87 9.04 4.91
C ALA B 179 -0.71 7.93 5.95
N LEU B 180 -0.47 8.33 7.18
CA LEU B 180 -0.35 7.34 8.21
C LEU B 180 -1.21 7.77 9.36
N LEU B 181 -2.35 7.09 9.43
CA LEU B 181 -3.31 7.36 10.48
C LEU B 181 -2.78 7.00 11.84
N GLN B 182 -2.54 8.06 12.60
CA GLN B 182 -2.21 7.91 14.01
C GLN B 182 -3.52 7.84 14.85
N SER B 183 -3.84 8.69 15.82
CA SER B 183 -5.07 8.51 16.61
C SER B 183 -6.32 9.20 16.12
N ALA B 184 -6.94 8.45 15.17
CA ALA B 184 -8.12 8.79 14.34
C ALA B 184 -7.70 9.63 13.14
N LEU B 185 -6.78 10.54 13.47
CA LEU B 185 -6.06 11.37 12.52
C LEU B 185 -5.20 10.65 11.49
N TYR B 186 -5.36 11.04 10.22
CA TYR B 186 -4.42 10.72 9.14
C TYR B 186 -3.44 11.88 9.07
N THR B 187 -2.16 11.57 8.89
CA THR B 187 -1.18 12.64 8.64
C THR B 187 -0.37 12.24 7.48
N MET B 188 -0.26 13.22 6.60
CA MET B 188 0.57 13.06 5.44
C MET B 188 1.42 14.29 5.15
N SER B 189 2.40 14.14 4.28
CA SER B 189 3.19 15.29 3.89
C SER B 189 3.58 15.11 2.45
N SER B 190 4.10 16.23 1.95
CA SER B 190 4.51 16.31 0.56
C SER B 190 5.70 17.23 0.41
N SER B 191 6.53 16.93 -0.61
CA SER B 191 7.78 17.68 -0.87
C SER B 191 7.91 18.19 -2.31
N VAL B 192 8.64 19.29 -2.49
CA VAL B 192 8.88 19.82 -3.82
C VAL B 192 10.32 20.27 -3.90
N THR B 193 11.00 19.86 -4.98
CA THR B 193 12.37 20.32 -5.25
C THR B 193 12.47 21.35 -6.38
N VAL B 194 12.86 22.57 -6.03
CA VAL B 194 13.08 23.60 -7.03
C VAL B 194 14.54 24.03 -7.07
N PRO B 195 15.23 24.27 -8.21
CA PRO B 195 16.62 24.74 -8.28
C PRO B 195 16.92 26.02 -7.49
N SER B 196 18.05 26.11 -6.77
CA SER B 196 18.38 27.34 -6.03
C SER B 196 18.58 28.54 -6.93
N SER B 197 17.96 29.61 -6.44
CA SER B 197 17.78 30.92 -7.11
C SER B 197 16.50 30.94 -7.97
N THR B 198 15.67 29.92 -7.81
CA THR B 198 14.28 29.88 -8.31
C THR B 198 13.37 30.19 -7.11
N TRP B 199 13.86 29.90 -5.89
CA TRP B 199 13.29 30.22 -4.57
C TRP B 199 14.35 30.94 -3.68
N PRO B 200 14.17 31.82 -2.66
CA PRO B 200 12.93 32.53 -2.25
C PRO B 200 12.43 33.69 -3.11
N SER B 201 12.91 33.69 -4.35
CA SER B 201 12.34 34.49 -5.45
C SER B 201 11.30 33.61 -6.17
N GLN B 202 10.52 34.11 -7.14
CA GLN B 202 9.45 33.36 -7.82
C GLN B 202 8.29 32.73 -7.01
N THR B 203 8.37 32.61 -5.67
CA THR B 203 7.28 32.19 -4.75
C THR B 203 6.56 30.88 -4.93
N VAL B 204 6.78 30.03 -3.95
CA VAL B 204 6.19 28.69 -4.00
C VAL B 204 5.12 28.49 -2.94
N THR B 205 3.97 27.98 -3.36
CA THR B 205 2.81 27.81 -2.49
C THR B 205 2.24 26.41 -2.58
N CYS B 206 1.89 25.79 -1.44
CA CYS B 206 1.20 24.52 -1.54
C CYS B 206 -0.26 24.70 -1.16
N SER B 207 -1.09 24.17 -2.04
CA SER B 207 -2.52 24.21 -1.86
C SER B 207 -3.06 22.85 -1.43
N VAL B 208 -3.63 22.81 -0.24
CA VAL B 208 -4.24 21.60 0.33
C VAL B 208 -5.78 21.59 0.24
N ALA B 209 -6.34 20.51 -0.29
CA ALA B 209 -7.80 20.43 -0.40
C ALA B 209 -8.52 19.25 0.25
N HIS B 210 -9.26 19.49 1.35
CA HIS B 210 -10.04 18.42 1.95
C HIS B 210 -11.56 18.56 1.73
N PRO B 211 -12.13 18.11 0.60
CA PRO B 211 -13.54 18.26 0.27
C PRO B 211 -14.50 17.78 1.34
N ALA B 212 -14.31 16.70 2.12
CA ALA B 212 -15.27 16.37 3.18
C ALA B 212 -15.51 17.53 4.13
N SER B 213 -14.44 18.10 4.70
CA SER B 213 -14.56 19.25 5.58
C SER B 213 -14.67 20.62 4.89
N SER B 214 -14.75 20.65 3.55
CA SER B 214 -14.88 21.88 2.74
C SER B 214 -13.75 22.87 2.94
N THR B 215 -12.57 22.28 2.97
CA THR B 215 -11.35 23.04 3.08
C THR B 215 -10.69 23.26 1.75
N THR B 216 -9.93 24.35 1.87
CA THR B 216 -9.11 24.99 0.83
C THR B 216 -8.11 25.87 1.56
N VAL B 217 -6.90 25.35 1.72
CA VAL B 217 -5.83 26.09 2.38
C VAL B 217 -4.72 26.37 1.38
N ASP B 218 -4.10 27.56 1.41
CA ASP B 218 -2.91 27.81 0.60
C ASP B 218 -1.79 28.38 1.46
N LYS B 219 -0.69 27.64 1.62
CA LYS B 219 0.43 28.11 2.41
C LYS B 219 1.60 28.44 1.53
N LYS B 220 2.05 29.69 1.52
CA LYS B 220 3.23 29.96 0.73
C LYS B 220 4.50 29.80 1.56
N LEU B 221 5.56 29.33 0.92
CA LEU B 221 6.82 29.07 1.59
C LEU B 221 7.71 30.32 1.41
#